data_5O19
#
_entry.id   5O19
#
_cell.length_a   49.418
_cell.length_b   78.244
_cell.length_c   163.176
_cell.angle_alpha   90.00
_cell.angle_beta   90.00
_cell.angle_gamma   90.00
#
_symmetry.space_group_name_H-M   'I 21 21 21'
#
loop_
_entity.id
_entity.type
_entity.pdbx_description
1 polymer 'Genome polyprotein'
2 non-polymer 'SULFATE ION'
3 non-polymer '2-(N-MORPHOLINO)-ETHANESULFONIC ACID'
4 water water
#
_entity_poly.entity_id   1
_entity_poly.type   'polypeptide(L)'
_entity_poly.pdbx_seq_one_letter_code
;MREESTDECDGAIIGTAVKGHVAVHSDLSYWIESRYNDTWKLERAVFGEVKSCTWPETHTLWGDDVEESELIIPHTIAGP
KSKHNRREGYKTQNQGPWDENGIVLDFDYCPGTKVTITEDCSKRGPSVRTTTDSGKLITDWCCRSCSLPPLRFRTENGCW
YGMEIRPVMHDETTLVRSQVDA
;
_entity_poly.pdbx_strand_id   A
#
# COMPACT_ATOMS: atom_id res chain seq x y z
N ASP A 7 -9.62 19.30 4.62
CA ASP A 7 -8.45 20.08 5.13
C ASP A 7 -7.52 19.13 5.95
N GLU A 8 -6.73 19.68 6.86
CA GLU A 8 -5.78 18.89 7.63
C GLU A 8 -6.45 18.07 8.70
N CYS A 9 -5.88 16.89 8.94
CA CYS A 9 -6.11 16.15 10.18
C CYS A 9 -5.53 16.98 11.33
N ASP A 10 -6.15 16.81 12.48
CA ASP A 10 -5.77 17.52 13.68
C ASP A 10 -4.34 17.12 14.17
N GLY A 11 -3.44 18.10 14.16
CA GLY A 11 -2.09 18.03 14.77
C GLY A 11 -2.05 17.61 16.26
N ALA A 12 -3.08 17.98 17.06
CA ALA A 12 -3.10 17.70 18.51
C ALA A 12 -2.91 16.20 18.86
N ILE A 13 -3.38 15.27 18.02
CA ILE A 13 -3.37 13.80 18.33
C ILE A 13 -2.55 12.94 17.34
N ILE A 14 -1.39 13.49 17.03
CA ILE A 14 -0.46 12.90 16.15
C ILE A 14 0.87 12.72 16.89
N GLY A 15 1.46 11.55 16.72
CA GLY A 15 2.82 11.24 17.16
C GLY A 15 3.66 10.75 16.02
N THR A 16 4.61 11.56 15.63
CA THR A 16 5.50 11.17 14.60
C THR A 16 6.94 11.15 15.15
N ALA A 17 7.65 10.06 14.93
CA ALA A 17 9.00 9.91 15.48
C ALA A 17 9.92 9.02 14.68
N VAL A 18 11.17 9.46 14.66
CA VAL A 18 12.21 8.62 14.13
C VAL A 18 13.33 8.56 15.12
N LYS A 19 13.81 7.36 15.32
CA LYS A 19 14.84 7.03 16.25
C LYS A 19 15.79 6.14 15.47
N GLY A 20 16.89 6.76 15.03
CA GLY A 20 17.91 6.12 14.23
C GLY A 20 17.35 5.63 12.91
N HIS A 21 17.12 4.32 12.80
CA HIS A 21 16.69 3.65 11.53
C HIS A 21 15.24 3.10 11.47
N VAL A 22 14.39 3.58 12.37
CA VAL A 22 12.97 3.28 12.40
C VAL A 22 12.20 4.57 12.53
N ALA A 23 11.31 4.83 11.57
CA ALA A 23 10.50 6.03 11.60
C ALA A 23 9.00 5.61 11.62
N VAL A 24 8.22 6.29 12.47
CA VAL A 24 6.81 6.07 12.61
C VAL A 24 6.02 7.35 12.54
N HIS A 25 5.07 7.42 11.60
CA HIS A 25 4.00 8.43 11.59
C HIS A 25 2.72 7.79 12.08
N SER A 26 2.24 8.25 13.23
CA SER A 26 1.03 7.74 13.78
C SER A 26 0.04 8.79 14.26
N ASP A 27 -1.22 8.36 14.29
CA ASP A 27 -2.29 9.13 14.87
C ASP A 27 -3.27 8.15 15.45
N LEU A 28 -4.48 8.62 15.84
CA LEU A 28 -5.42 7.72 16.49
C LEU A 28 -5.90 6.61 15.59
N SER A 29 -5.78 6.71 14.26
CA SER A 29 -6.16 5.57 13.40
C SER A 29 -5.07 4.91 12.57
N TYR A 30 -3.98 5.63 12.25
CA TYR A 30 -2.93 5.16 11.38
C TYR A 30 -1.63 4.89 12.19
N TRP A 31 -0.93 3.83 11.83
CA TRP A 31 0.42 3.51 12.30
C TRP A 31 1.21 3.27 11.01
N ILE A 32 2.08 4.21 10.67
CA ILE A 32 2.83 4.09 9.40
C ILE A 32 4.33 4.04 9.66
N GLU A 33 4.91 2.88 9.44
CA GLU A 33 6.28 2.57 9.83
C GLU A 33 7.21 2.38 8.67
N SER A 34 8.32 3.09 8.69
CA SER A 34 9.37 2.90 7.68
C SER A 34 10.69 2.54 8.36
N ARG A 35 11.59 1.93 7.60
CA ARG A 35 12.86 1.49 8.13
C ARG A 35 13.98 1.72 7.19
N TYR A 36 15.15 1.86 7.78
CA TYR A 36 16.38 1.99 7.01
C TYR A 36 17.16 0.69 7.09
N ASN A 37 17.41 0.07 5.97
CA ASN A 37 18.43 -1.03 5.94
C ASN A 37 19.70 -0.58 5.16
N ASP A 38 19.61 -0.47 3.83
CA ASP A 38 20.57 0.35 3.05
C ASP A 38 19.87 1.58 2.48
N THR A 39 18.56 1.49 2.19
CA THR A 39 17.72 2.66 1.93
C THR A 39 16.53 2.71 2.89
N TRP A 40 15.90 3.86 2.98
CA TRP A 40 14.57 4.02 3.62
C TRP A 40 13.48 3.42 2.75
N LYS A 41 12.66 2.57 3.37
CA LYS A 41 11.52 1.97 2.69
C LYS A 41 10.36 1.94 3.65
N LEU A 42 9.14 2.17 3.16
CA LEU A 42 7.97 1.78 3.93
C LEU A 42 7.99 0.30 4.26
N GLU A 43 7.70 -0.01 5.51
CA GLU A 43 7.71 -1.39 6.01
C GLU A 43 6.28 -1.93 6.25
N ARG A 44 5.49 -1.17 6.99
CA ARG A 44 4.14 -1.59 7.37
C ARG A 44 3.27 -0.40 7.66
N ALA A 45 1.99 -0.55 7.37
CA ALA A 45 1.02 0.49 7.67
C ALA A 45 -0.25 -0.23 8.07
N VAL A 46 -0.74 0.16 9.24
CA VAL A 46 -1.87 -0.46 9.90
C VAL A 46 -2.96 0.58 10.09
N PHE A 47 -4.17 0.22 9.72
CA PHE A 47 -5.29 1.24 9.65
C PHE A 47 -6.43 0.77 10.51
N GLY A 48 -6.60 1.45 11.64
CA GLY A 48 -7.77 1.17 12.49
C GLY A 48 -9.07 1.53 11.79
N GLU A 49 -9.01 2.58 10.98
CA GLU A 49 -10.11 3.02 10.14
C GLU A 49 -9.39 3.79 9.02
N VAL A 50 -10.02 3.99 7.86
CA VAL A 50 -9.44 4.81 6.78
C VAL A 50 -10.21 6.10 6.79
N LYS A 51 -9.52 7.19 6.56
CA LYS A 51 -10.11 8.50 6.69
C LYS A 51 -9.60 9.42 5.60
N SER A 52 -10.27 10.53 5.42
CA SER A 52 -10.05 11.40 4.31
C SER A 52 -9.81 12.83 4.80
N CYS A 53 -8.56 13.16 5.02
CA CYS A 53 -8.10 14.48 5.44
C CYS A 53 -6.62 14.41 5.06
N THR A 54 -5.90 15.52 5.12
CA THR A 54 -4.51 15.53 4.76
C THR A 54 -3.68 15.55 6.04
N TRP A 55 -2.59 14.82 6.03
CA TRP A 55 -1.72 14.70 7.20
C TRP A 55 -0.99 16.01 7.28
N PRO A 56 -0.98 16.66 8.43
CA PRO A 56 -0.24 17.93 8.46
C PRO A 56 1.34 17.88 8.37
N GLU A 57 1.86 18.84 7.62
CA GLU A 57 3.26 19.09 7.37
C GLU A 57 4.11 19.29 8.64
N THR A 58 3.52 19.97 9.61
CA THR A 58 4.08 20.16 10.92
C THR A 58 4.49 18.82 11.61
N HIS A 59 3.77 17.75 11.26
CA HIS A 59 3.94 16.39 11.81
C HIS A 59 4.43 15.38 10.77
N THR A 60 5.17 15.86 9.75
CA THR A 60 5.66 15.04 8.65
C THR A 60 7.24 15.10 8.56
N LEU A 61 7.87 13.94 8.62
CA LEU A 61 9.32 13.77 8.39
C LEU A 61 9.66 13.79 6.90
N TRP A 62 10.82 14.33 6.55
CA TRP A 62 11.33 14.13 5.17
C TRP A 62 10.29 14.53 4.10
N GLY A 63 9.85 15.77 4.22
CA GLY A 63 8.73 16.29 3.42
C GLY A 63 9.10 17.29 2.33
N ASP A 64 10.39 17.49 2.11
CA ASP A 64 10.92 18.36 1.07
C ASP A 64 10.93 17.65 -0.29
N ASP A 65 10.42 18.33 -1.31
CA ASP A 65 10.55 17.89 -2.70
C ASP A 65 9.90 16.52 -2.86
N VAL A 66 8.61 16.48 -2.53
CA VAL A 66 7.84 15.24 -2.49
C VAL A 66 6.95 15.24 -3.70
N GLU A 67 6.98 14.13 -4.43
CA GLU A 67 6.07 13.90 -5.53
C GLU A 67 4.87 13.08 -5.02
N GLU A 68 3.68 13.65 -5.16
CA GLU A 68 2.45 13.02 -4.66
C GLU A 68 2.18 11.61 -5.25
N SER A 69 2.57 11.39 -6.50
CA SER A 69 2.31 10.13 -7.16
C SER A 69 3.25 9.01 -6.70
N GLU A 70 4.30 9.36 -5.97
CA GLU A 70 5.19 8.39 -5.29
C GLU A 70 4.69 7.91 -3.93
N LEU A 71 3.70 8.58 -3.35
CA LEU A 71 3.32 8.28 -1.98
C LEU A 71 2.46 7.01 -1.91
N ILE A 72 2.97 5.94 -1.31
CA ILE A 72 2.22 4.67 -1.27
C ILE A 72 0.76 4.83 -0.82
N ILE A 73 0.58 5.38 0.38
CA ILE A 73 -0.67 5.71 0.97
C ILE A 73 -1.02 7.10 0.46
N PRO A 74 -2.08 7.22 -0.36
CA PRO A 74 -2.35 8.52 -1.04
C PRO A 74 -2.53 9.64 -0.04
N HIS A 75 -1.96 10.81 -0.35
CA HIS A 75 -2.17 11.98 0.54
C HIS A 75 -3.67 12.32 0.77
N THR A 76 -4.55 12.00 -0.19
CA THR A 76 -6.00 12.23 -0.04
C THR A 76 -6.70 11.38 1.03
N ILE A 77 -6.10 10.25 1.41
CA ILE A 77 -6.58 9.50 2.59
C ILE A 77 -5.61 9.58 3.79
N ALA A 78 -5.06 10.77 3.99
CA ALA A 78 -4.19 11.14 5.09
C ALA A 78 -2.85 10.40 5.07
N GLY A 79 -2.39 9.98 3.90
CA GLY A 79 -1.04 9.51 3.79
C GLY A 79 -0.08 10.66 3.97
N PRO A 80 0.98 10.47 4.79
CA PRO A 80 1.89 11.59 4.97
C PRO A 80 2.60 11.98 3.69
N LYS A 81 2.83 13.26 3.49
CA LYS A 81 3.57 13.77 2.34
C LYS A 81 5.03 13.73 2.67
N SER A 82 5.52 12.51 2.72
CA SER A 82 6.78 12.17 3.28
C SER A 82 7.44 11.18 2.36
N LYS A 83 8.74 11.34 2.18
CA LYS A 83 9.53 10.32 1.49
C LYS A 83 9.68 9.01 2.23
N HIS A 84 9.34 8.96 3.53
CA HIS A 84 9.17 7.68 4.24
C HIS A 84 7.96 6.85 3.73
N ASN A 85 6.94 7.52 3.21
CA ASN A 85 5.77 6.89 2.65
C ASN A 85 6.04 6.46 1.18
N ARG A 86 7.08 5.66 0.98
CA ARG A 86 7.52 5.27 -0.41
C ARG A 86 8.19 3.93 -0.35
N ARG A 87 8.19 3.26 -1.50
CA ARG A 87 8.91 2.03 -1.67
C ARG A 87 9.25 1.93 -3.13
N GLU A 88 10.53 1.77 -3.42
CA GLU A 88 11.05 1.60 -4.75
C GLU A 88 10.28 0.55 -5.53
N GLY A 89 9.79 0.96 -6.70
CA GLY A 89 9.06 0.08 -7.58
C GLY A 89 7.55 0.27 -7.53
N TYR A 90 7.07 1.13 -6.62
CA TYR A 90 5.64 1.34 -6.47
C TYR A 90 5.32 2.81 -6.48
N LYS A 91 4.17 3.12 -7.07
CA LYS A 91 3.58 4.42 -7.07
C LYS A 91 2.38 4.37 -6.14
N THR A 92 1.73 5.51 -6.02
CA THR A 92 0.60 5.67 -5.15
C THR A 92 -0.52 4.63 -5.35
N GLN A 93 -0.99 4.08 -4.23
CA GLN A 93 -2.02 3.06 -4.27
C GLN A 93 -3.42 3.63 -4.26
N ASN A 94 -3.73 4.50 -5.21
CA ASN A 94 -5.04 5.13 -5.19
C ASN A 94 -6.22 4.14 -5.38
N GLN A 95 -5.98 2.98 -6.01
CA GLN A 95 -7.04 1.99 -6.18
C GLN A 95 -6.77 0.73 -5.40
N GLY A 96 -6.17 0.91 -4.22
CA GLY A 96 -6.04 -0.18 -3.28
C GLY A 96 -7.40 -0.45 -2.70
N PRO A 97 -7.51 -1.51 -1.90
CA PRO A 97 -8.77 -1.91 -1.33
C PRO A 97 -9.14 -1.13 -0.07
N TRP A 98 -9.29 0.19 -0.21
CA TRP A 98 -9.48 1.11 0.91
C TRP A 98 -10.84 1.14 1.57
N ASP A 99 -11.78 0.33 1.08
CA ASP A 99 -13.08 0.12 1.71
C ASP A 99 -13.14 -1.10 2.59
N GLU A 100 -12.07 -1.85 2.69
CA GLU A 100 -12.07 -3.03 3.54
C GLU A 100 -11.86 -2.65 5.01
N ASN A 101 -12.17 -3.57 5.91
CA ASN A 101 -11.89 -3.41 7.34
C ASN A 101 -10.61 -4.10 7.70
N GLY A 102 -9.99 -3.62 8.78
CA GLY A 102 -8.76 -4.19 9.32
C GLY A 102 -7.60 -4.30 8.35
N ILE A 103 -7.36 -3.22 7.61
CA ILE A 103 -6.32 -3.17 6.64
C ILE A 103 -4.91 -3.07 7.26
N VAL A 104 -4.06 -4.03 6.88
CA VAL A 104 -2.64 -3.95 7.08
C VAL A 104 -1.91 -4.09 5.75
N LEU A 105 -1.09 -3.10 5.45
CA LEU A 105 -0.25 -3.06 4.26
C LEU A 105 1.18 -3.42 4.68
N ASP A 106 1.75 -4.44 4.04
CA ASP A 106 3.17 -4.71 4.19
C ASP A 106 3.76 -5.25 2.88
N PHE A 107 5.00 -5.76 2.94
CA PHE A 107 5.70 -6.17 1.75
C PHE A 107 6.10 -7.58 1.98
N ASP A 108 5.21 -8.47 1.56
CA ASP A 108 5.37 -9.92 1.70
C ASP A 108 4.38 -10.59 0.69
N TYR A 109 4.52 -11.87 0.43
CA TYR A 109 3.64 -12.62 -0.47
C TYR A 109 2.32 -12.92 0.21
N CYS A 110 1.19 -12.80 -0.53
CA CYS A 110 -0.08 -13.31 -0.08
C CYS A 110 0.07 -14.84 -0.01
N PRO A 111 -0.50 -15.46 1.03
CA PRO A 111 -0.31 -16.91 1.19
C PRO A 111 -0.69 -17.75 -0.06
N GLY A 112 0.21 -18.66 -0.44
CA GLY A 112 0.02 -19.59 -1.55
C GLY A 112 0.28 -18.97 -2.93
N THR A 113 0.84 -17.76 -2.96
CA THR A 113 1.04 -17.06 -4.23
C THR A 113 2.52 -16.81 -4.50
N LYS A 114 2.80 -16.45 -5.75
CA LYS A 114 4.08 -15.96 -6.15
C LYS A 114 3.98 -14.85 -7.22
N VAL A 115 4.99 -13.99 -7.25
CA VAL A 115 5.03 -12.82 -8.14
C VAL A 115 6.35 -12.85 -8.94
N THR A 116 6.25 -12.65 -10.26
CA THR A 116 7.41 -12.56 -11.16
C THR A 116 7.48 -11.19 -11.80
N ILE A 117 8.67 -10.60 -11.82
CA ILE A 117 8.89 -9.34 -12.53
C ILE A 117 9.20 -9.63 -14.01
N THR A 118 8.38 -9.11 -14.91
CA THR A 118 8.53 -9.31 -16.35
C THR A 118 7.80 -8.19 -17.07
N GLU A 119 8.40 -7.67 -18.14
CA GLU A 119 7.72 -6.66 -18.94
C GLU A 119 6.55 -7.24 -19.76
N ASP A 120 6.33 -8.56 -19.76
CA ASP A 120 5.07 -9.12 -20.35
C ASP A 120 3.79 -8.70 -19.62
N CYS A 121 3.94 -8.38 -18.34
CA CYS A 121 2.81 -8.04 -17.51
C CYS A 121 2.00 -6.91 -18.09
N SER A 122 0.70 -6.93 -17.80
CA SER A 122 -0.14 -5.76 -18.02
C SER A 122 0.23 -4.63 -17.02
N LYS A 123 -0.29 -3.42 -17.27
CA LYS A 123 0.07 -2.25 -16.48
C LYS A 123 -0.73 -2.18 -15.15
N ARG A 124 -0.40 -1.17 -14.33
CA ARG A 124 -1.15 -0.84 -13.12
C ARG A 124 -2.66 -0.76 -13.36
N GLY A 125 -3.43 -1.40 -12.50
CA GLY A 125 -4.88 -1.25 -12.43
C GLY A 125 -5.42 -1.47 -10.99
N PRO A 126 -6.72 -1.63 -10.86
CA PRO A 126 -7.27 -1.80 -9.50
C PRO A 126 -6.71 -3.02 -8.78
N SER A 127 -6.63 -2.97 -7.44
CA SER A 127 -6.13 -4.08 -6.65
C SER A 127 -7.08 -5.23 -6.77
N VAL A 128 -6.50 -6.42 -6.84
CA VAL A 128 -7.25 -7.65 -7.06
C VAL A 128 -7.03 -8.50 -5.81
N ARG A 129 -8.07 -9.15 -5.35
CA ARG A 129 -8.00 -10.06 -4.24
C ARG A 129 -7.49 -11.39 -4.73
N THR A 130 -6.79 -12.14 -3.88
CA THR A 130 -6.13 -13.32 -4.36
C THR A 130 -7.09 -14.48 -4.46
N THR A 131 -8.30 -14.33 -3.95
CA THR A 131 -9.37 -15.30 -4.18
C THR A 131 -10.44 -14.75 -5.09
N THR A 132 -10.88 -15.60 -6.00
CA THR A 132 -11.91 -15.23 -6.94
C THR A 132 -13.24 -15.16 -6.20
N ASP A 133 -14.24 -14.66 -6.91
CA ASP A 133 -15.61 -14.56 -6.45
C ASP A 133 -16.12 -15.86 -5.82
N SER A 134 -15.92 -17.00 -6.51
CA SER A 134 -16.26 -18.33 -5.98
C SER A 134 -15.27 -18.89 -4.97
N GLY A 135 -14.14 -18.23 -4.75
CA GLY A 135 -13.21 -18.58 -3.67
C GLY A 135 -11.97 -19.37 -4.08
N LYS A 136 -11.70 -19.51 -5.37
CA LYS A 136 -10.45 -20.13 -5.82
C LYS A 136 -9.27 -19.17 -5.65
N LEU A 137 -8.13 -19.75 -5.29
CA LEU A 137 -6.88 -19.02 -5.13
C LEU A 137 -6.18 -18.79 -6.45
N ILE A 138 -5.93 -17.55 -6.82
CA ILE A 138 -5.07 -17.22 -7.96
C ILE A 138 -3.57 -17.30 -7.52
N THR A 139 -2.82 -18.25 -8.04
CA THR A 139 -1.49 -18.55 -7.49
C THR A 139 -0.35 -17.73 -8.11
N ASP A 140 -0.52 -17.26 -9.34
CA ASP A 140 0.60 -16.64 -10.07
C ASP A 140 0.28 -15.24 -10.46
N TRP A 141 1.27 -14.37 -10.36
CA TRP A 141 1.06 -12.94 -10.49
C TRP A 141 2.28 -12.35 -11.17
N CYS A 142 2.15 -11.16 -11.74
CA CYS A 142 3.30 -10.50 -12.27
C CYS A 142 3.23 -9.02 -12.07
N CYS A 143 4.39 -8.40 -12.25
CA CYS A 143 4.42 -6.95 -12.37
C CYS A 143 5.50 -6.56 -13.38
N ARG A 144 5.29 -5.44 -14.06
CA ARG A 144 6.27 -4.92 -15.05
C ARG A 144 7.64 -4.61 -14.47
N SER A 145 7.67 -3.84 -13.39
CA SER A 145 8.91 -3.44 -12.74
C SER A 145 8.74 -3.00 -11.28
N CYS A 146 7.89 -3.70 -10.53
CA CYS A 146 7.79 -3.51 -9.08
C CYS A 146 9.00 -4.20 -8.45
N SER A 147 9.27 -3.96 -7.17
CA SER A 147 10.33 -4.67 -6.43
C SER A 147 9.71 -5.76 -5.62
N LEU A 148 10.50 -6.74 -5.25
CA LEU A 148 10.07 -7.78 -4.33
C LEU A 148 10.80 -7.63 -3.00
N PRO A 149 10.18 -8.02 -1.88
CA PRO A 149 8.84 -8.64 -1.80
C PRO A 149 7.69 -7.71 -2.16
N PRO A 150 6.58 -8.28 -2.68
CA PRO A 150 5.47 -7.51 -3.25
C PRO A 150 4.63 -6.71 -2.21
N LEU A 151 4.07 -5.59 -2.64
CA LEU A 151 3.10 -4.80 -1.83
C LEU A 151 1.75 -5.57 -1.71
N ARG A 152 1.35 -5.86 -0.48
CA ARG A 152 0.14 -6.55 -0.20
C ARG A 152 -0.67 -5.87 0.87
N PHE A 153 -2.00 -6.05 0.74
CA PHE A 153 -2.96 -5.60 1.71
C PHE A 153 -3.64 -6.83 2.29
N ARG A 154 -3.52 -7.05 3.61
CA ARG A 154 -4.29 -8.03 4.35
C ARG A 154 -5.53 -7.32 4.94
N THR A 155 -6.69 -7.91 4.79
CA THR A 155 -7.98 -7.30 5.17
C THR A 155 -8.86 -8.37 5.77
N GLU A 156 -9.93 -7.95 6.42
CA GLU A 156 -10.83 -8.94 6.99
C GLU A 156 -11.52 -9.84 5.96
N ASN A 157 -11.47 -9.48 4.67
CA ASN A 157 -11.98 -10.26 3.52
C ASN A 157 -10.96 -10.99 2.60
N GLY A 158 -9.71 -11.09 3.00
CA GLY A 158 -8.69 -11.77 2.21
C GLY A 158 -7.46 -10.93 2.04
N CYS A 159 -6.60 -11.38 1.14
CA CYS A 159 -5.36 -10.73 0.82
C CYS A 159 -5.50 -10.16 -0.57
N TRP A 160 -4.94 -8.96 -0.79
CA TRP A 160 -4.99 -8.20 -2.06
C TRP A 160 -3.56 -7.71 -2.43
N TYR A 161 -3.25 -7.59 -3.72
CA TYR A 161 -1.95 -7.06 -4.06
C TYR A 161 -2.06 -5.63 -4.47
N GLY A 162 -0.91 -4.96 -4.49
CA GLY A 162 -0.85 -3.58 -4.93
C GLY A 162 -1.19 -3.51 -6.42
N MET A 163 -1.41 -2.29 -6.89
CA MET A 163 -1.93 -2.01 -8.23
C MET A 163 -1.05 -2.54 -9.33
N GLU A 164 0.25 -2.52 -9.10
CA GLU A 164 1.26 -2.94 -10.04
C GLU A 164 1.21 -4.43 -10.34
N ILE A 165 0.72 -5.23 -9.37
CA ILE A 165 0.83 -6.67 -9.38
C ILE A 165 -0.47 -7.27 -9.92
N ARG A 166 -0.38 -7.95 -11.07
CA ARG A 166 -1.55 -8.39 -11.79
C ARG A 166 -1.62 -9.91 -11.80
N PRO A 167 -2.84 -10.47 -11.70
CA PRO A 167 -3.04 -11.91 -11.68
C PRO A 167 -2.72 -12.56 -13.05
N VAL A 168 -2.24 -13.80 -13.03
CA VAL A 168 -1.84 -14.54 -14.25
C VAL A 168 -2.77 -15.70 -14.27
N MET A 169 -3.70 -15.68 -15.21
CA MET A 169 -4.72 -16.73 -15.36
C MET A 169 -4.70 -17.36 -16.76
N HIS A 170 -5.05 -18.64 -16.79
CA HIS A 170 -5.09 -19.45 -17.98
C HIS A 170 -6.47 -19.88 -18.38
N ASP A 171 -7.48 -19.54 -17.59
CA ASP A 171 -8.89 -19.74 -17.99
C ASP A 171 -9.79 -18.58 -17.53
N GLU A 172 -11.07 -18.66 -17.89
CA GLU A 172 -12.08 -17.66 -17.51
C GLU A 172 -12.28 -17.69 -15.99
N THR A 173 -12.20 -16.54 -15.38
CA THR A 173 -12.39 -16.42 -13.94
C THR A 173 -12.95 -15.04 -13.65
N THR A 174 -13.79 -14.97 -12.64
CA THR A 174 -14.32 -13.71 -12.15
C THR A 174 -13.39 -13.20 -11.03
N LEU A 175 -12.88 -11.99 -11.20
CA LEU A 175 -11.97 -11.35 -10.28
C LEU A 175 -12.75 -10.45 -9.33
N VAL A 176 -12.34 -10.40 -8.06
CA VAL A 176 -12.81 -9.39 -7.13
C VAL A 176 -11.76 -8.29 -7.06
N ARG A 177 -12.15 -7.08 -7.48
CA ARG A 177 -11.24 -5.99 -7.64
C ARG A 177 -11.73 -4.79 -6.87
N SER A 178 -10.79 -3.94 -6.45
CA SER A 178 -11.15 -2.75 -5.68
C SER A 178 -12.03 -1.83 -6.53
N GLN A 179 -13.09 -1.30 -5.94
CA GLN A 179 -13.95 -0.31 -6.55
C GLN A 179 -13.61 1.09 -6.14
N VAL A 180 -12.55 1.28 -5.36
CA VAL A 180 -12.20 2.59 -4.82
C VAL A 180 -11.19 3.32 -5.70
N ASP A 181 -11.33 4.64 -5.76
CA ASP A 181 -10.27 5.51 -6.27
C ASP A 181 -10.10 6.66 -5.26
N ALA A 182 -8.99 6.67 -4.51
CA ALA A 182 -8.82 7.51 -3.30
C ALA A 182 -8.15 8.85 -3.56
#